data_4QJQ
#
_entry.id   4QJQ
#
_cell.length_a   53.947
_cell.length_b   80.356
_cell.length_c   75.391
_cell.angle_alpha   90.00
_cell.angle_beta   102.81
_cell.angle_gamma   90.00
#
_symmetry.space_group_name_H-M   'P 1 21 1'
#
loop_
_entity.id
_entity.type
_entity.pdbx_description
1 polymer Lactoperoxidase
2 non-polymer 'PROTOPORPHYRIN IX CONTAINING FE'
3 non-polymer 2-acetamido-2-deoxy-beta-D-glucopyranose
4 non-polymer 'CALCIUM ION'
5 non-polymer 'IODIDE ION'
6 non-polymer 'THIOCYANATE ION'
7 non-polymer 4-(2R-AMINO-1-HYDROXYETHYL)PHENOL
8 non-polymer DI(HYDROXYETHYL)ETHER
9 non-polymer 1,2-ETHANEDIOL
10 water water
#
_entity_poly.entity_id   1
_entity_poly.type   'polypeptide(L)'
_entity_poly.pdbx_seq_one_letter_code
;SWEVGCGAPVPLVTCDEQSPYRTITGDCNNRRSPALGAANRALARWLPAEYEDGLAVPFGWTQRKTRNGFRVPLAREVSN
KIVGYLDEEGVLDQNRSLLFMQWGQIVDHDLDFAPETELGSSEHSKVQCEEYCVQGDECFPIMFPKNDPKLKTQGKCMPF
FRAGFVCPTPPYQSLARDQINAVTSFLDASLVYGSEP(SEP)LASRLRNLSSPLGLMAVNQEAWDHGLAYPPFNNVKPSP
CEFINTTAHVPCFQAGDSRASEQILLATVHTLLLREHNRLARELKRLNPHWDGEMLYQEARKILGAFIQIITFRDYLPIV
LGSEMQKWIPPYQGYNNSVDPRISNVFTFAFRFGHMEVPSTVSRLDENYQPWGPEAELPLHTLFFNTWRIIKDGGIDPLV
RGLLAKNSKLMNQNKMVTSELRNKLFQPTHKVHGFDLAAINLQRCRDHGMPGYNSWRGFCGLSQPKTLKGLQAVLKNKVL
AKKLLDLYKTPDNIDIWIGGNAEPMVERGRVGPLLACLLGRQFQQIRDGDRFWWENPGVFTEKQRDSLQKVSFSRLICDN
THITKVPLHAFQANNYPHDFVDCSAVDKLDLSPWASREN
;
_entity_poly.pdbx_strand_id   A
#
# COMPACT_ATOMS: atom_id res chain seq x y z
N SER A 1 29.59 6.76 -15.96
CA SER A 1 28.11 6.90 -16.02
C SER A 1 27.61 6.82 -17.46
N TRP A 2 27.00 5.68 -17.84
CA TRP A 2 26.44 5.48 -19.18
C TRP A 2 25.30 6.48 -19.44
N GLU A 3 24.99 6.71 -20.72
CA GLU A 3 23.92 7.65 -21.11
C GLU A 3 22.54 6.98 -21.04
N VAL A 4 22.25 6.35 -19.91
CA VAL A 4 20.96 5.69 -19.69
C VAL A 4 19.85 6.70 -19.52
N GLY A 5 18.67 6.40 -20.05
CA GLY A 5 17.53 7.27 -19.85
C GLY A 5 17.12 7.25 -18.40
N CYS A 6 16.88 8.43 -17.84
CA CYS A 6 16.46 8.55 -16.45
C CYS A 6 15.64 9.82 -16.21
N GLY A 7 14.86 9.82 -15.13
CA GLY A 7 14.11 11.00 -14.75
C GLY A 7 14.63 11.57 -13.45
N ALA A 8 14.99 12.84 -13.46
CA ALA A 8 15.44 13.53 -12.26
C ALA A 8 14.64 14.82 -12.07
N PRO A 9 14.17 15.05 -10.85
CA PRO A 9 13.42 16.27 -10.58
C PRO A 9 14.35 17.43 -10.19
N VAL A 10 13.88 18.65 -10.43
CA VAL A 10 14.59 19.88 -10.05
C VAL A 10 14.73 20.08 -8.54
N PRO A 11 13.64 19.98 -7.78
CA PRO A 11 12.26 20.08 -8.30
C PRO A 11 11.57 21.27 -7.66
N LEU A 12 12.37 22.16 -7.07
CA LEU A 12 11.92 23.13 -6.04
C LEU A 12 10.61 23.95 -6.18
N VAL A 13 10.01 24.21 -5.01
CA VAL A 13 8.80 25.00 -4.75
C VAL A 13 8.90 25.84 -3.45
N THR A 14 8.18 26.96 -3.43
CA THR A 14 8.25 27.92 -2.31
C THR A 14 7.21 27.67 -1.24
N CYS A 15 7.45 28.23 -0.06
CA CYS A 15 6.67 27.89 1.13
C CYS A 15 6.00 29.07 1.80
N ASP A 16 4.84 28.81 2.40
CA ASP A 16 4.02 29.83 3.10
C ASP A 16 4.03 29.55 4.61
N GLU A 17 4.56 30.48 5.39
CA GLU A 17 4.67 30.31 6.84
C GLU A 17 3.34 30.17 7.57
N GLN A 18 2.35 30.95 7.16
CA GLN A 18 1.10 31.06 7.90
C GLN A 18 0.13 29.92 7.61
N SER A 19 0.30 29.24 6.46
CA SER A 19 -0.70 28.30 5.95
C SER A 19 -1.22 27.29 6.96
N PRO A 20 -2.55 27.21 7.11
CA PRO A 20 -3.15 26.25 8.02
C PRO A 20 -3.40 24.89 7.40
N TYR A 21 -3.16 24.71 6.09
CA TYR A 21 -3.36 23.41 5.44
C TYR A 21 -2.08 22.81 4.89
N ARG A 22 -2.11 21.50 4.62
CA ARG A 22 -0.98 20.82 4.01
C ARG A 22 -0.92 21.23 2.55
N THR A 23 0.27 21.21 1.95
CA THR A 23 0.40 21.28 0.51
C THR A 23 0.00 19.91 -0.07
N ILE A 24 -0.30 19.86 -1.37
CA ILE A 24 -0.57 18.61 -2.07
C ILE A 24 0.70 17.79 -2.15
N THR A 25 1.81 18.39 -2.57
CA THR A 25 3.07 17.69 -2.69
C THR A 25 3.75 17.28 -1.39
N GLY A 26 3.27 17.76 -0.26
CA GLY A 26 3.97 17.56 1.01
C GLY A 26 5.21 18.42 1.26
N ASP A 27 5.54 19.32 0.32
CA ASP A 27 6.57 20.32 0.61
C ASP A 27 6.12 21.22 1.75
N CYS A 28 7.08 21.82 2.45
CA CYS A 28 6.84 22.84 3.51
C CYS A 28 6.28 22.32 4.84
N ASN A 29 6.13 21.02 4.97
CA ASN A 29 5.74 20.45 6.23
C ASN A 29 6.79 20.81 7.26
N ASN A 30 8.04 20.52 6.93
CA ASN A 30 9.15 20.85 7.79
C ASN A 30 9.70 22.19 7.33
N ARG A 31 9.81 23.13 8.26
CA ARG A 31 10.25 24.50 7.96
C ARG A 31 11.72 24.57 7.61
N ARG A 32 12.53 23.79 8.32
CA ARG A 32 13.98 23.87 8.19
C ARG A 32 14.49 23.17 6.93
N SER A 33 13.88 22.03 6.60
CA SER A 33 14.16 21.28 5.39
C SER A 33 12.80 21.04 4.67
N PRO A 34 12.31 22.04 3.92
CA PRO A 34 10.98 21.95 3.32
C PRO A 34 10.74 20.79 2.33
N ALA A 35 11.76 20.14 1.76
CA ALA A 35 11.46 19.00 0.86
C ALA A 35 11.25 17.66 1.58
N LEU A 36 11.59 17.57 2.88
CA LEU A 36 11.39 16.35 3.71
C LEU A 36 10.00 15.81 3.73
N GLY A 37 9.81 14.62 3.14
CA GLY A 37 8.53 13.94 3.12
C GLY A 37 7.70 14.24 1.89
N ALA A 38 8.15 15.20 1.09
CA ALA A 38 7.49 15.56 -0.15
C ALA A 38 7.61 14.43 -1.17
N ALA A 39 6.68 14.37 -2.08
CA ALA A 39 6.61 13.36 -3.10
C ALA A 39 7.63 13.67 -4.19
N ASN A 40 8.01 12.63 -4.91
CA ASN A 40 8.93 12.74 -6.04
C ASN A 40 10.38 13.08 -5.67
N ARG A 41 10.77 12.71 -4.45
CA ARG A 41 12.11 12.77 -3.89
C ARG A 41 12.58 11.33 -3.58
N ALA A 42 13.88 11.13 -3.37
CA ALA A 42 14.41 9.84 -3.02
C ALA A 42 13.75 9.28 -1.76
N LEU A 43 13.45 7.98 -1.80
CA LEU A 43 13.18 7.22 -0.58
C LEU A 43 14.38 7.36 0.32
N ALA A 44 14.19 7.42 1.63
CA ALA A 44 15.32 7.57 2.55
C ALA A 44 16.09 6.26 2.69
N ARG A 45 17.40 6.34 2.84
CA ARG A 45 18.24 5.13 3.04
C ARG A 45 18.63 4.97 4.48
N TRP A 46 17.92 4.14 5.22
CA TRP A 46 18.30 3.88 6.62
C TRP A 46 19.66 3.21 6.77
N LEU A 47 20.05 2.49 5.73
CA LEU A 47 21.33 1.89 5.67
C LEU A 47 21.81 2.01 4.23
N PRO A 48 23.14 2.08 4.01
CA PRO A 48 23.60 2.21 2.61
C PRO A 48 23.14 1.12 1.66
N ALA A 49 22.82 1.52 0.43
CA ALA A 49 22.48 0.55 -0.60
C ALA A 49 23.52 -0.55 -0.75
N GLU A 50 23.08 -1.73 -1.18
CA GLU A 50 24.01 -2.84 -1.47
C GLU A 50 23.76 -3.36 -2.85
N TYR A 51 24.58 -2.88 -3.76
CA TYR A 51 24.54 -3.29 -5.14
C TYR A 51 25.73 -4.14 -5.41
N GLU A 52 25.59 -5.02 -6.37
CA GLU A 52 26.67 -5.87 -6.87
C GLU A 52 27.93 -5.08 -7.26
N ASP A 53 27.75 -3.88 -7.81
CA ASP A 53 28.87 -3.07 -8.26
C ASP A 53 29.08 -1.87 -7.38
N GLY A 54 28.44 -1.85 -6.21
CA GLY A 54 28.52 -0.67 -5.36
C GLY A 54 28.02 0.47 -6.22
N LEU A 55 27.00 0.16 -7.00
CA LEU A 55 26.53 0.93 -8.12
C LEU A 55 25.11 0.49 -8.34
N ALA A 56 24.48 0.98 -9.40
CA ALA A 56 23.09 0.67 -9.63
C ALA A 56 22.86 -0.84 -9.80
N VAL A 57 23.79 -1.56 -10.43
CA VAL A 57 23.48 -2.95 -10.77
C VAL A 57 22.99 -3.75 -9.57
N PRO A 58 22.04 -4.66 -9.79
CA PRO A 58 21.48 -5.40 -8.64
C PRO A 58 22.05 -6.79 -8.49
N PHE A 59 22.00 -7.34 -7.29
CA PHE A 59 22.53 -8.69 -7.10
C PHE A 59 21.70 -9.63 -7.93
N GLY A 60 22.39 -10.51 -8.64
CA GLY A 60 21.73 -11.46 -9.50
C GLY A 60 21.89 -11.05 -10.94
N TRP A 61 22.48 -9.88 -11.16
CA TRP A 61 22.53 -9.29 -12.49
C TRP A 61 23.61 -9.94 -13.37
N THR A 62 24.83 -9.97 -12.88
CA THR A 62 25.94 -10.62 -13.60
C THR A 62 26.02 -12.06 -13.14
N GLN A 63 26.31 -12.99 -14.05
CA GLN A 63 26.34 -14.44 -13.72
C GLN A 63 27.39 -14.74 -12.67
N ARG A 64 28.61 -14.33 -12.97
CA ARG A 64 29.75 -14.73 -12.19
C ARG A 64 30.00 -13.86 -10.94
N LYS A 65 29.14 -12.88 -10.65
CA LYS A 65 29.29 -12.08 -9.42
C LYS A 65 28.47 -12.68 -8.25
N THR A 66 29.17 -13.13 -7.23
CA THR A 66 28.53 -13.72 -6.07
C THR A 66 28.09 -12.62 -5.10
N ARG A 67 27.14 -12.94 -4.22
CA ARG A 67 26.91 -12.11 -3.03
C ARG A 67 27.48 -12.85 -1.85
N ASN A 68 28.38 -12.19 -1.11
CA ASN A 68 29.15 -12.87 -0.06
C ASN A 68 29.66 -14.24 -0.43
N GLY A 69 30.10 -14.42 -1.65
CA GLY A 69 30.68 -15.69 -2.01
C GLY A 69 29.72 -16.74 -2.53
N PHE A 70 28.43 -16.42 -2.64
CA PHE A 70 27.44 -17.39 -3.17
C PHE A 70 26.55 -16.73 -4.18
N ARG A 71 26.17 -17.50 -5.20
CA ARG A 71 25.20 -17.03 -6.18
C ARG A 71 23.87 -16.84 -5.51
N VAL A 72 23.16 -15.77 -5.85
CA VAL A 72 21.85 -15.53 -5.26
C VAL A 72 20.86 -16.34 -6.09
N PRO A 73 19.87 -16.95 -5.45
CA PRO A 73 18.93 -17.77 -6.22
C PRO A 73 17.97 -16.93 -7.05
N LEU A 74 17.34 -17.56 -8.02
CA LEU A 74 16.31 -16.88 -8.85
C LEU A 74 15.12 -16.57 -8.01
N ALA A 75 14.49 -15.42 -8.24
CA ALA A 75 13.40 -14.99 -7.40
C ALA A 75 12.19 -15.96 -7.55
N ARG A 76 12.04 -16.53 -8.73
CA ARG A 76 10.95 -17.44 -9.02
C ARG A 76 11.18 -18.83 -8.40
N GLU A 77 12.43 -19.27 -8.31
CA GLU A 77 12.77 -20.49 -7.57
C GLU A 77 12.44 -20.41 -6.09
N VAL A 78 12.76 -19.27 -5.47
CA VAL A 78 12.49 -19.05 -4.05
C VAL A 78 11.00 -19.05 -3.83
N SER A 79 10.30 -18.31 -4.71
CA SER A 79 8.88 -18.28 -4.71
C SER A 79 8.23 -19.70 -4.77
N ASN A 80 8.58 -20.51 -5.75
CA ASN A 80 8.08 -21.91 -5.86
C ASN A 80 8.50 -22.84 -4.69
N LYS A 81 9.70 -22.70 -4.15
CA LYS A 81 10.13 -23.66 -3.12
C LYS A 81 9.71 -23.26 -1.72
N ILE A 82 9.40 -21.97 -1.52
CA ILE A 82 9.10 -21.47 -0.21
C ILE A 82 7.77 -20.79 -0.09
N VAL A 83 7.39 -20.00 -1.11
CA VAL A 83 6.28 -19.08 -0.93
C VAL A 83 4.94 -19.72 -1.28
N GLY A 84 5.00 -20.79 -2.03
CA GLY A 84 3.81 -21.37 -2.64
C GLY A 84 3.20 -22.55 -1.90
N TYR A 85 1.92 -22.76 -2.15
CA TYR A 85 1.14 -23.84 -1.53
C TYR A 85 -0.17 -24.11 -2.28
N LEU A 86 -0.64 -25.35 -2.14
CA LEU A 86 -1.82 -25.81 -2.84
C LEU A 86 -3.11 -25.66 -2.06
N ASP A 87 -3.10 -26.09 -0.81
CA ASP A 87 -4.35 -26.29 -0.09
C ASP A 87 -4.81 -25.01 0.61
N GLU A 88 -5.87 -24.39 0.12
CA GLU A 88 -6.43 -23.19 0.74
C GLU A 88 -7.24 -23.43 2.05
N GLU A 89 -7.48 -24.69 2.42
CA GLU A 89 -8.25 -24.96 3.64
C GLU A 89 -7.45 -24.64 4.89
N GLY A 90 -8.10 -24.12 5.92
CA GLY A 90 -7.42 -23.74 7.15
C GLY A 90 -6.51 -22.52 7.15
N VAL A 91 -6.52 -21.69 6.11
CA VAL A 91 -5.57 -20.56 6.05
C VAL A 91 -6.11 -19.25 6.59
N LEU A 92 -7.41 -19.21 6.93
CA LEU A 92 -8.03 -17.91 7.28
C LEU A 92 -7.76 -17.50 8.73
N ASP A 93 -7.78 -16.20 8.98
CA ASP A 93 -7.31 -15.67 10.24
C ASP A 93 -8.56 -15.60 11.08
N GLN A 94 -8.63 -16.43 12.12
CA GLN A 94 -9.84 -16.51 12.93
C GLN A 94 -10.12 -15.19 13.67
N ASN A 95 -9.11 -14.33 13.83
CA ASN A 95 -9.40 -13.05 14.49
C ASN A 95 -8.95 -11.80 13.70
N ARG A 96 -8.97 -11.89 12.37
CA ARG A 96 -8.85 -10.69 11.53
C ARG A 96 -9.85 -10.68 10.41
N SER A 97 -10.62 -9.59 10.29
CA SER A 97 -11.53 -9.44 9.16
C SER A 97 -10.72 -9.15 7.90
N LEU A 98 -11.33 -9.39 6.74
CA LEU A 98 -10.64 -9.13 5.47
C LEU A 98 -10.36 -7.63 5.30
N LEU A 99 -11.09 -6.81 6.07
CA LEU A 99 -10.84 -5.40 6.16
C LEU A 99 -9.52 -5.03 6.73
N PHE A 100 -8.91 -5.94 7.51
CA PHE A 100 -7.59 -5.73 8.10
C PHE A 100 -6.52 -5.73 7.02
N MET A 101 -6.56 -6.73 6.16
CA MET A 101 -5.73 -6.75 4.92
C MET A 101 -5.92 -5.46 4.15
N GLN A 102 -7.17 -5.02 4.03
CA GLN A 102 -7.52 -3.96 3.06
C GLN A 102 -7.09 -2.56 3.50
N TRP A 103 -7.18 -2.31 4.79
CA TRP A 103 -6.67 -1.09 5.33
C TRP A 103 -5.15 -0.99 5.11
N GLY A 104 -4.45 -2.09 5.25
CA GLY A 104 -3.04 -2.06 5.11
C GLY A 104 -2.61 -1.66 3.71
N GLN A 105 -3.29 -2.19 2.69
CA GLN A 105 -3.04 -1.75 1.33
C GLN A 105 -3.35 -0.26 1.22
N ILE A 106 -4.44 0.18 1.80
CA ILE A 106 -4.78 1.62 1.78
C ILE A 106 -3.67 2.47 2.40
N VAL A 107 -3.19 2.07 3.58
CA VAL A 107 -2.15 2.82 4.27
C VAL A 107 -0.84 2.78 3.52
N ASP A 108 -0.51 1.62 3.00
CA ASP A 108 0.64 1.50 2.15
C ASP A 108 0.57 2.55 1.00
N HIS A 109 -0.60 2.67 0.40
CA HIS A 109 -0.70 3.42 -0.82
C HIS A 109 -0.63 4.92 -0.51
N ASP A 110 -1.07 5.27 0.70
CA ASP A 110 -0.95 6.64 1.15
C ASP A 110 0.53 7.04 1.29
N LEU A 111 1.40 6.08 1.56
CA LEU A 111 2.73 6.38 2.04
C LEU A 111 3.82 6.25 1.03
N ASP A 112 3.75 5.25 0.17
CA ASP A 112 4.84 5.07 -0.74
C ASP A 112 4.41 4.50 -2.06
N PHE A 113 5.23 4.79 -3.07
CA PHE A 113 5.03 4.33 -4.43
C PHE A 113 6.27 4.63 -5.25
N ALA A 114 6.90 3.58 -5.74
CA ALA A 114 8.14 3.67 -6.49
C ALA A 114 7.84 3.07 -7.86
N PRO A 115 7.27 3.88 -8.75
CA PRO A 115 6.93 3.36 -10.08
C PRO A 115 8.19 3.01 -10.93
N GLU A 116 8.07 1.95 -11.72
CA GLU A 116 9.12 1.61 -12.67
C GLU A 116 9.36 2.77 -13.63
N THR A 117 10.56 2.83 -14.20
CA THR A 117 10.85 3.76 -15.31
C THR A 117 10.09 3.44 -16.62
N GLU A 118 9.83 2.14 -16.88
CA GLU A 118 9.34 1.62 -18.20
C GLU A 118 8.17 2.41 -18.82
N LEU A 119 7.32 3.00 -18.00
CA LEU A 119 6.20 3.75 -18.58
C LEU A 119 6.81 4.84 -19.46
N GLY A 120 7.87 5.48 -18.98
CA GLY A 120 8.67 6.36 -19.81
C GLY A 120 9.78 5.64 -20.55
N SER A 121 9.42 4.82 -21.54
CA SER A 121 10.40 4.05 -22.31
C SER A 121 9.96 3.86 -23.76
N SER A 122 10.91 3.61 -24.66
CA SER A 122 10.55 3.35 -26.07
C SER A 122 9.85 1.99 -26.26
N GLU A 123 8.89 1.94 -27.19
CA GLU A 123 8.08 0.73 -27.45
C GLU A 123 8.91 -0.48 -27.83
N HIS A 124 10.06 -0.23 -28.47
CA HIS A 124 11.01 -1.28 -28.81
C HIS A 124 11.66 -1.90 -27.56
N SER A 125 11.82 -1.09 -26.51
CA SER A 125 12.41 -1.54 -25.23
C SER A 125 11.40 -2.31 -24.37
N LYS A 126 10.14 -1.86 -24.37
CA LYS A 126 9.04 -2.57 -23.70
C LYS A 126 8.87 -3.98 -24.25
N VAL A 127 8.81 -4.06 -25.59
CA VAL A 127 8.57 -5.32 -26.30
C VAL A 127 9.78 -6.24 -26.28
N GLN A 128 10.99 -5.68 -26.22
CA GLN A 128 12.22 -6.48 -26.11
C GLN A 128 12.29 -7.29 -24.80
N CYS A 129 11.80 -6.67 -23.73
CA CYS A 129 11.73 -7.33 -22.42
C CYS A 129 10.73 -8.49 -22.49
N GLU A 130 9.47 -8.17 -22.83
CA GLU A 130 8.43 -9.18 -22.91
C GLU A 130 8.80 -10.24 -23.97
N GLU A 131 8.97 -9.80 -25.21
CA GLU A 131 9.10 -10.76 -26.33
C GLU A 131 10.35 -11.63 -26.26
N TYR A 132 11.47 -11.08 -25.80
CA TYR A 132 12.75 -11.84 -25.89
C TYR A 132 13.46 -12.17 -24.59
N CYS A 133 13.01 -11.61 -23.47
CA CYS A 133 13.59 -11.93 -22.13
C CYS A 133 15.07 -11.57 -22.08
N VAL A 134 15.44 -10.47 -22.73
CA VAL A 134 16.86 -10.05 -22.78
C VAL A 134 17.10 -8.94 -21.77
N GLN A 135 17.98 -9.21 -20.82
CA GLN A 135 18.32 -8.27 -19.75
C GLN A 135 19.16 -7.09 -20.24
N GLY A 136 18.64 -5.89 -20.09
CA GLY A 136 19.41 -4.72 -20.47
C GLY A 136 18.85 -3.47 -19.84
N ASP A 137 19.71 -2.49 -19.57
CA ASP A 137 19.23 -1.20 -19.10
C ASP A 137 18.36 -1.45 -17.87
N GLU A 138 17.16 -0.90 -17.88
CA GLU A 138 16.16 -1.22 -16.87
C GLU A 138 15.70 -2.68 -16.91
N CYS A 139 15.55 -3.26 -18.10
CA CYS A 139 14.84 -4.53 -18.19
C CYS A 139 15.63 -5.61 -17.43
N PHE A 140 14.96 -6.25 -16.49
CA PHE A 140 15.60 -7.12 -15.51
C PHE A 140 14.68 -8.32 -15.29
N PRO A 141 14.52 -9.14 -16.34
CA PRO A 141 13.47 -10.16 -16.37
C PRO A 141 13.61 -11.22 -15.33
N ILE A 142 12.48 -11.71 -14.85
CA ILE A 142 12.46 -12.82 -13.90
C ILE A 142 12.46 -14.10 -14.73
N MET A 143 13.58 -14.79 -14.71
CA MET A 143 13.73 -16.01 -15.44
C MET A 143 13.10 -17.13 -14.65
N PHE A 144 12.42 -18.04 -15.34
CA PHE A 144 11.93 -19.30 -14.74
C PHE A 144 13.10 -20.23 -14.56
N PRO A 145 13.12 -21.00 -13.46
CA PRO A 145 14.01 -22.16 -13.30
C PRO A 145 13.53 -23.40 -14.12
N LYS A 146 14.37 -24.43 -14.27
CA LYS A 146 14.08 -25.53 -15.23
C LYS A 146 12.83 -26.39 -14.95
N ASN A 147 12.49 -26.60 -13.69
CA ASN A 147 11.36 -27.48 -13.36
C ASN A 147 10.06 -26.71 -13.09
N ASP A 148 9.82 -25.63 -13.86
CA ASP A 148 8.75 -24.68 -13.57
C ASP A 148 7.62 -24.83 -14.56
N PRO A 149 6.38 -25.08 -14.08
CA PRO A 149 5.28 -25.21 -15.02
C PRO A 149 5.13 -24.04 -15.98
N LYS A 150 5.41 -22.82 -15.54
CA LYS A 150 5.32 -21.65 -16.42
C LYS A 150 6.28 -21.67 -17.65
N LEU A 151 7.38 -22.42 -17.57
CA LEU A 151 8.23 -22.61 -18.73
C LEU A 151 7.37 -23.10 -19.90
N LYS A 152 6.68 -24.20 -19.64
CA LYS A 152 5.90 -24.93 -20.61
C LYS A 152 4.77 -24.20 -21.31
N THR A 153 4.23 -23.16 -20.67
CA THR A 153 3.04 -22.45 -21.15
C THR A 153 3.24 -20.92 -21.33
N GLN A 154 4.36 -20.38 -20.87
CA GLN A 154 4.51 -18.90 -20.87
C GLN A 154 5.77 -18.34 -21.50
N GLY A 155 6.84 -19.10 -21.51
CA GLY A 155 8.08 -18.67 -22.10
C GLY A 155 9.21 -18.92 -21.13
N LYS A 156 10.31 -18.20 -21.28
CA LYS A 156 11.49 -18.37 -20.44
C LYS A 156 11.62 -17.37 -19.29
N CYS A 157 10.68 -16.43 -19.18
CA CYS A 157 10.77 -15.41 -18.18
C CYS A 157 9.47 -14.66 -17.98
N MET A 158 9.44 -13.84 -16.91
CA MET A 158 8.38 -12.87 -16.67
C MET A 158 8.99 -11.47 -16.82
N PRO A 159 8.25 -10.56 -17.43
CA PRO A 159 8.88 -9.26 -17.65
C PRO A 159 8.97 -8.48 -16.35
N PHE A 160 9.99 -7.65 -16.24
CA PHE A 160 10.20 -6.84 -15.05
C PHE A 160 11.14 -5.70 -15.40
N PHE A 161 10.78 -4.54 -14.94
CA PHE A 161 11.45 -3.30 -15.28
C PHE A 161 11.83 -2.62 -13.99
N ARG A 162 13.00 -2.04 -14.00
CA ARG A 162 13.55 -1.47 -12.77
C ARG A 162 12.85 -0.24 -12.38
N ALA A 163 12.79 -0.03 -11.05
CA ALA A 163 12.12 1.14 -10.45
C ALA A 163 12.76 2.44 -10.85
N GLY A 164 11.95 3.50 -10.96
CA GLY A 164 12.47 4.85 -11.23
C GLY A 164 13.40 5.38 -10.15
N PHE A 165 14.43 6.12 -10.58
CA PHE A 165 15.38 6.75 -9.64
C PHE A 165 15.67 8.21 -9.96
N VAL A 166 16.06 8.98 -8.93
CA VAL A 166 16.58 10.33 -9.13
C VAL A 166 17.96 10.29 -9.80
N CYS A 167 17.95 10.69 -11.08
CA CYS A 167 18.97 10.38 -12.09
C CYS A 167 20.25 11.15 -11.85
N PRO A 168 21.38 10.69 -12.37
CA PRO A 168 22.61 11.34 -11.88
C PRO A 168 22.52 12.84 -12.11
N THR A 169 22.82 13.53 -11.02
CA THR A 169 22.97 14.99 -10.96
C THR A 169 24.34 15.28 -10.35
N PRO A 170 24.90 16.44 -10.64
CA PRO A 170 26.33 16.70 -10.41
C PRO A 170 26.75 16.44 -8.96
N PRO A 171 28.01 16.03 -8.68
CA PRO A 171 29.13 15.98 -9.62
C PRO A 171 29.41 14.59 -10.22
N TYR A 172 28.37 13.78 -10.43
CA TYR A 172 28.54 12.34 -10.67
C TYR A 172 29.40 11.71 -9.58
N GLN A 173 29.24 12.27 -8.37
CA GLN A 173 29.82 11.77 -7.14
C GLN A 173 29.41 10.31 -7.00
N SER A 174 30.20 9.54 -6.27
CA SER A 174 29.83 8.16 -6.01
C SER A 174 28.72 8.09 -4.96
N LEU A 175 27.50 8.11 -5.48
CA LEU A 175 26.29 7.83 -4.72
C LEU A 175 25.61 6.67 -5.41
N ALA A 176 25.21 5.68 -4.64
CA ALA A 176 24.48 4.58 -5.20
C ALA A 176 23.11 5.08 -5.65
N ARG A 177 22.51 4.32 -6.56
CA ARG A 177 21.16 4.59 -7.07
C ARG A 177 20.08 4.73 -6.01
N ASP A 178 19.26 5.75 -6.14
CA ASP A 178 18.28 6.04 -5.13
C ASP A 178 16.86 6.16 -5.76
N GLN A 179 15.98 5.25 -5.36
CA GLN A 179 14.66 5.12 -5.98
C GLN A 179 13.77 6.21 -5.44
N ILE A 180 12.76 6.57 -6.22
CA ILE A 180 11.88 7.69 -5.92
C ILE A 180 10.64 7.20 -5.24
N ASN A 181 10.22 7.93 -4.19
CA ASN A 181 8.86 7.84 -3.72
C ASN A 181 7.97 8.89 -4.37
N ALA A 182 6.92 8.45 -5.04
CA ALA A 182 6.11 9.29 -5.90
C ALA A 182 4.90 9.81 -5.16
N VAL A 183 4.71 9.40 -3.90
CA VAL A 183 3.66 10.02 -3.10
C VAL A 183 4.18 10.62 -1.81
N THR A 184 3.35 11.41 -1.12
CA THR A 184 3.79 12.06 0.12
C THR A 184 4.02 11.04 1.26
N SER A 185 5.15 11.16 1.94
CA SER A 185 5.51 10.29 3.07
C SER A 185 4.57 10.43 4.27
N PHE A 186 3.78 11.49 4.29
CA PHE A 186 2.89 11.73 5.41
C PHE A 186 1.61 10.94 5.18
N LEU A 187 1.03 10.51 6.28
CA LEU A 187 -0.20 9.77 6.27
C LEU A 187 -1.28 10.85 6.18
N ASP A 188 -1.57 11.28 4.95
CA ASP A 188 -2.32 12.54 4.70
C ASP A 188 -3.47 12.46 3.68
N ALA A 189 -3.95 11.25 3.41
CA ALA A 189 -4.97 10.95 2.40
C ALA A 189 -4.54 11.26 0.98
N SER A 190 -3.25 11.26 0.73
CA SER A 190 -2.78 11.59 -0.59
C SER A 190 -3.36 10.60 -1.63
N LEU A 191 -3.73 9.40 -1.21
CA LEU A 191 -4.36 8.45 -2.12
C LEU A 191 -5.78 8.89 -2.55
N VAL A 192 -6.42 9.74 -1.76
CA VAL A 192 -7.69 10.29 -2.17
C VAL A 192 -7.53 11.57 -2.97
N TYR A 193 -6.61 12.43 -2.60
CA TYR A 193 -6.54 13.77 -3.17
C TYR A 193 -5.44 14.01 -4.15
N GLY A 194 -4.49 13.06 -4.24
CA GLY A 194 -3.32 13.24 -5.09
C GLY A 194 -2.10 13.75 -4.39
N SER A 195 -0.93 13.56 -4.98
CA SER A 195 0.37 14.04 -4.49
C SER A 195 0.99 15.00 -5.48
N GLU A 196 0.24 15.38 -6.50
CA GLU A 196 0.72 16.38 -7.45
C GLU A 196 -0.39 17.36 -7.90
N PRO A 197 -0.03 18.64 -8.09
CA PRO A 197 -0.99 19.70 -8.37
C PRO A 197 -1.97 19.32 -9.47
N LEU A 199 -2.88 16.37 -10.87
CA LEU A 199 -3.89 15.39 -10.52
C LEU A 199 -4.88 15.92 -9.52
N ALA A 200 -4.40 16.69 -8.54
CA ALA A 200 -5.29 17.09 -7.45
C ALA A 200 -6.35 18.04 -7.97
N SER A 201 -5.99 18.81 -9.00
CA SER A 201 -6.93 19.70 -9.64
C SER A 201 -7.91 18.95 -10.52
N ARG A 202 -7.46 17.91 -11.23
CA ARG A 202 -8.37 17.16 -12.06
C ARG A 202 -9.41 16.47 -11.23
N LEU A 203 -9.07 16.08 -10.01
CA LEU A 203 -10.01 15.35 -9.16
C LEU A 203 -11.10 16.20 -8.57
N ARG A 204 -10.86 17.51 -8.48
CA ARG A 204 -11.74 18.41 -7.76
C ARG A 204 -12.95 18.79 -8.65
N ASN A 205 -14.10 19.06 -8.02
CA ASN A 205 -15.23 19.72 -8.71
C ASN A 205 -15.08 21.21 -8.58
N LEU A 206 -14.49 21.82 -9.61
CA LEU A 206 -14.38 23.26 -9.74
C LEU A 206 -15.72 23.98 -9.91
N SER A 207 -16.62 23.35 -10.66
CA SER A 207 -17.84 24.01 -11.13
C SER A 207 -18.77 24.50 -10.03
N SER A 208 -18.93 23.70 -8.98
CA SER A 208 -19.78 24.11 -7.86
C SER A 208 -18.87 24.50 -6.71
N PRO A 209 -19.07 25.70 -6.17
CA PRO A 209 -18.14 26.21 -5.19
C PRO A 209 -18.39 25.57 -3.83
N LEU A 210 -18.78 24.30 -3.84
CA LEU A 210 -19.13 23.58 -2.61
C LEU A 210 -17.95 22.75 -2.05
N GLY A 211 -16.83 22.68 -2.77
CA GLY A 211 -15.61 22.01 -2.28
C GLY A 211 -15.69 20.50 -2.44
N LEU A 212 -16.40 20.08 -3.46
CA LEU A 212 -16.65 18.68 -3.68
C LEU A 212 -15.53 18.14 -4.51
N MET A 213 -15.29 16.83 -4.32
CA MET A 213 -14.46 16.04 -5.22
C MET A 213 -15.39 15.65 -6.32
N ALA A 214 -14.88 15.70 -7.57
CA ALA A 214 -15.64 15.27 -8.74
C ALA A 214 -16.16 13.85 -8.59
N VAL A 215 -17.40 13.56 -8.99
CA VAL A 215 -17.92 12.17 -9.01
C VAL A 215 -18.30 11.67 -10.41
N ASN A 216 -18.58 10.39 -10.52
CA ASN A 216 -18.89 9.82 -11.85
C ASN A 216 -20.20 10.43 -12.40
N GLN A 217 -20.28 10.68 -13.69
CA GLN A 217 -21.52 11.22 -14.27
C GLN A 217 -22.23 10.17 -15.08
N GLU A 218 -21.53 9.06 -15.38
CA GLU A 218 -22.07 7.98 -16.21
C GLU A 218 -22.72 6.88 -15.39
N ALA A 219 -22.54 6.88 -14.07
CA ALA A 219 -23.09 5.81 -13.23
C ALA A 219 -23.14 6.14 -11.74
N TRP A 220 -24.16 5.61 -11.07
CA TRP A 220 -24.44 5.93 -9.68
C TRP A 220 -24.75 4.64 -8.93
N ASP A 221 -24.75 4.72 -7.60
CA ASP A 221 -24.83 3.54 -6.71
C ASP A 221 -26.00 3.77 -5.79
N HIS A 222 -27.17 3.29 -6.23
CA HIS A 222 -28.44 3.65 -5.60
C HIS A 222 -28.44 5.11 -5.20
N GLY A 223 -27.99 5.97 -6.11
CA GLY A 223 -27.89 7.40 -5.85
C GLY A 223 -26.57 7.88 -5.31
N LEU A 224 -25.88 7.03 -4.56
CA LEU A 224 -24.55 7.35 -4.02
C LEU A 224 -23.46 7.23 -5.09
N ALA A 225 -22.36 7.95 -4.89
CA ALA A 225 -21.37 8.23 -5.94
C ALA A 225 -20.34 7.15 -6.17
N TYR A 226 -19.71 7.24 -7.34
CA TYR A 226 -18.58 6.46 -7.72
C TYR A 226 -17.46 7.40 -8.11
N PRO A 227 -16.18 6.95 -8.07
CA PRO A 227 -15.14 7.87 -8.56
C PRO A 227 -15.25 8.04 -10.06
N PRO A 228 -14.81 9.20 -10.60
CA PRO A 228 -14.86 9.38 -12.06
C PRO A 228 -14.06 8.28 -12.70
N PHE A 229 -14.35 7.98 -13.96
CA PHE A 229 -13.54 7.06 -14.69
C PHE A 229 -12.36 7.81 -15.17
N ASN A 230 -11.31 7.11 -15.54
CA ASN A 230 -10.07 7.74 -15.92
C ASN A 230 -9.84 7.55 -17.40
N ASN A 231 -9.57 8.63 -18.10
CA ASN A 231 -9.38 8.53 -19.54
C ASN A 231 -7.93 8.31 -19.88
N VAL A 232 -7.63 7.11 -20.34
CA VAL A 232 -6.33 6.78 -20.89
C VAL A 232 -6.43 5.44 -21.57
N LYS A 233 -5.86 5.30 -22.77
CA LYS A 233 -5.81 4.01 -23.45
C LYS A 233 -4.36 3.58 -23.57
N PRO A 234 -4.10 2.31 -23.33
CA PRO A 234 -5.13 1.34 -22.98
C PRO A 234 -5.48 1.35 -21.50
N SER A 235 -6.66 0.84 -21.17
CA SER A 235 -7.14 0.78 -19.80
C SER A 235 -7.23 -0.66 -19.42
N PRO A 236 -6.50 -1.05 -18.38
CA PRO A 236 -6.47 -2.49 -18.10
C PRO A 236 -7.82 -3.00 -17.66
N CYS A 237 -8.62 -2.12 -17.12
CA CYS A 237 -9.92 -2.53 -16.66
C CYS A 237 -10.81 -2.78 -17.85
N GLU A 238 -10.49 -2.15 -18.99
CA GLU A 238 -11.16 -2.46 -20.25
C GLU A 238 -10.70 -3.80 -20.80
N PHE A 239 -9.40 -4.02 -20.79
CA PHE A 239 -8.79 -5.22 -21.36
C PHE A 239 -9.34 -6.52 -20.74
N ILE A 240 -9.67 -6.51 -19.45
CA ILE A 240 -10.12 -7.75 -18.78
C ILE A 240 -11.54 -8.18 -19.11
N ASN A 241 -12.38 -7.24 -19.51
CA ASN A 241 -13.63 -7.55 -20.17
C ASN A 241 -13.91 -6.52 -21.29
N THR A 242 -13.60 -6.89 -22.53
CA THR A 242 -13.79 -5.96 -23.67
C THR A 242 -15.27 -5.83 -24.11
N THR A 243 -16.16 -6.59 -23.49
CA THR A 243 -17.59 -6.49 -23.73
C THR A 243 -18.20 -5.48 -22.79
N ALA A 244 -17.76 -5.52 -21.54
CA ALA A 244 -18.26 -4.61 -20.54
C ALA A 244 -17.71 -3.18 -20.77
N HIS A 245 -16.50 -3.05 -21.31
CA HIS A 245 -15.92 -1.73 -21.56
C HIS A 245 -16.15 -0.81 -20.35
N VAL A 246 -15.74 -1.23 -19.15
CA VAL A 246 -15.80 -0.33 -17.99
C VAL A 246 -14.36 -0.01 -17.63
N PRO A 247 -13.94 1.25 -17.80
CA PRO A 247 -12.54 1.57 -17.48
C PRO A 247 -12.24 1.62 -15.98
N CYS A 248 -10.98 1.94 -15.70
CA CYS A 248 -10.52 2.10 -14.35
C CYS A 248 -11.04 3.38 -13.74
N PHE A 249 -11.01 3.43 -12.41
CA PHE A 249 -11.40 4.62 -11.69
C PHE A 249 -10.26 5.61 -11.64
N GLN A 250 -10.64 6.84 -11.39
CA GLN A 250 -9.69 7.90 -11.40
C GLN A 250 -9.61 8.40 -10.00
N ALA A 251 -8.45 8.22 -9.40
CA ALA A 251 -8.30 8.51 -8.01
C ALA A 251 -6.98 9.16 -7.73
N GLY A 252 -6.89 9.60 -6.47
CA GLY A 252 -5.70 10.30 -5.98
C GLY A 252 -4.43 9.50 -6.03
N ASP A 253 -4.54 8.19 -6.21
CA ASP A 253 -3.38 7.31 -6.42
C ASP A 253 -3.54 6.44 -7.67
N SER A 254 -2.48 6.26 -8.46
CA SER A 254 -2.61 5.46 -9.69
C SER A 254 -3.20 4.02 -9.52
N ARG A 255 -2.92 3.35 -8.41
CA ARG A 255 -3.14 1.90 -8.29
C ARG A 255 -4.52 1.49 -7.82
N ALA A 256 -5.43 2.45 -7.76
CA ALA A 256 -6.73 2.32 -7.11
C ALA A 256 -7.61 1.17 -7.61
N SER A 257 -7.49 0.84 -8.88
CA SER A 257 -8.38 -0.18 -9.47
C SER A 257 -7.69 -1.55 -9.53
N GLU A 258 -6.47 -1.65 -8.99
CA GLU A 258 -5.74 -2.90 -9.01
C GLU A 258 -6.52 -4.09 -8.47
N GLN A 259 -7.36 -3.91 -7.47
CA GLN A 259 -8.34 -4.93 -7.16
C GLN A 259 -9.55 -4.28 -6.54
N ILE A 260 -10.66 -4.94 -6.76
CA ILE A 260 -11.97 -4.44 -6.48
C ILE A 260 -12.26 -3.97 -5.05
N LEU A 261 -11.63 -4.58 -4.06
CA LEU A 261 -11.83 -4.11 -2.69
C LEU A 261 -11.05 -2.82 -2.45
N LEU A 262 -9.94 -2.63 -3.14
CA LEU A 262 -9.18 -1.37 -3.00
C LEU A 262 -10.05 -0.26 -3.58
N ALA A 263 -10.66 -0.53 -4.73
CA ALA A 263 -11.49 0.47 -5.41
C ALA A 263 -12.68 0.80 -4.53
N THR A 264 -13.23 -0.23 -3.88
CA THR A 264 -14.31 -0.06 -2.90
C THR A 264 -13.90 0.89 -1.78
N VAL A 265 -12.75 0.65 -1.22
CA VAL A 265 -12.27 1.50 -0.19
C VAL A 265 -12.00 2.90 -0.64
N HIS A 266 -11.45 3.08 -1.82
CA HIS A 266 -11.27 4.41 -2.33
C HIS A 266 -12.63 5.09 -2.53
N THR A 267 -13.63 4.30 -2.91
CA THR A 267 -15.00 4.83 -3.14
C THR A 267 -15.59 5.26 -1.82
N LEU A 268 -15.41 4.47 -0.77
CA LEU A 268 -15.80 5.00 0.57
C LEU A 268 -15.14 6.31 0.98
N LEU A 269 -13.87 6.48 0.65
CA LEU A 269 -13.17 7.68 1.07
C LEU A 269 -13.67 8.91 0.33
N LEU A 270 -13.85 8.79 -0.97
CA LEU A 270 -14.45 9.88 -1.76
C LEU A 270 -15.78 10.36 -1.14
N ARG A 271 -16.70 9.43 -0.89
CA ARG A 271 -18.02 9.78 -0.36
C ARG A 271 -17.99 10.58 0.95
N GLU A 272 -17.07 10.20 1.82
CA GLU A 272 -16.90 10.90 3.07
C GLU A 272 -16.38 12.30 2.87
N HIS A 273 -15.56 12.50 1.85
CA HIS A 273 -15.10 13.85 1.57
C HIS A 273 -16.30 14.74 1.21
N ASN A 274 -17.10 14.25 0.28
CA ASN A 274 -18.30 14.95 -0.13
C ASN A 274 -19.32 15.14 1.01
N ARG A 275 -19.52 14.14 1.84
CA ARG A 275 -20.47 14.25 2.94
C ARG A 275 -20.03 15.36 3.89
N LEU A 276 -18.73 15.46 4.11
CA LEU A 276 -18.15 16.46 4.98
C LEU A 276 -18.25 17.85 4.40
N ALA A 277 -18.08 17.98 3.10
CA ALA A 277 -18.18 19.28 2.48
C ALA A 277 -19.61 19.85 2.62
N ARG A 278 -20.60 19.01 2.31
CA ARG A 278 -22.01 19.39 2.47
C ARG A 278 -22.35 19.89 3.89
N GLU A 279 -22.00 19.10 4.88
CA GLU A 279 -22.34 19.44 6.26
C GLU A 279 -21.59 20.67 6.77
N LEU A 280 -20.38 20.89 6.26
CA LEU A 280 -19.60 22.08 6.60
C LEU A 280 -20.25 23.32 5.98
N LYS A 281 -20.66 23.21 4.72
CA LYS A 281 -21.38 24.28 4.05
C LYS A 281 -22.58 24.67 4.92
N ARG A 282 -23.46 23.71 5.20
CA ARG A 282 -24.62 23.97 6.06
C ARG A 282 -24.20 24.86 7.26
N LEU A 283 -23.30 24.35 8.08
CA LEU A 283 -22.75 25.08 9.22
C LEU A 283 -22.18 26.45 8.87
N ASN A 284 -21.52 26.53 7.72
CA ASN A 284 -20.79 27.71 7.32
C ASN A 284 -21.09 28.01 5.85
N PRO A 285 -22.31 28.54 5.56
CA PRO A 285 -22.68 28.74 4.16
C PRO A 285 -21.87 29.87 3.54
N HIS A 286 -21.23 30.65 4.40
CA HIS A 286 -20.33 31.71 3.99
C HIS A 286 -18.96 31.21 3.48
N TRP A 287 -18.50 30.03 3.93
CA TRP A 287 -17.19 29.48 3.46
C TRP A 287 -17.30 29.20 1.98
N ASP A 288 -16.25 29.59 1.24
CA ASP A 288 -16.11 29.29 -0.21
C ASP A 288 -15.59 27.86 -0.47
N GLY A 289 -15.37 27.54 -1.76
CA GLY A 289 -15.05 26.18 -2.18
C GLY A 289 -13.72 25.68 -1.68
N GLU A 290 -12.70 26.52 -1.79
CA GLU A 290 -11.35 26.19 -1.32
C GLU A 290 -11.40 25.83 0.14
N MET A 291 -12.01 26.70 0.93
CA MET A 291 -12.10 26.47 2.36
C MET A 291 -12.82 25.17 2.67
N LEU A 292 -13.92 24.91 1.97
CA LEU A 292 -14.66 23.67 2.15
C LEU A 292 -13.86 22.41 1.68
N TYR A 293 -13.11 22.52 0.60
CA TYR A 293 -12.27 21.42 0.15
C TYR A 293 -11.19 21.15 1.20
N GLN A 294 -10.44 22.19 1.56
CA GLN A 294 -9.35 22.08 2.54
C GLN A 294 -9.80 21.61 3.93
N GLU A 295 -10.90 22.15 4.43
CA GLU A 295 -11.37 21.69 5.75
C GLU A 295 -11.84 20.23 5.70
N ALA A 296 -12.42 19.78 4.58
CA ALA A 296 -12.86 18.37 4.46
C ALA A 296 -11.66 17.37 4.39
N ARG A 297 -10.76 17.67 3.45
CA ARG A 297 -9.47 17.01 3.32
C ARG A 297 -8.79 16.85 4.66
N LYS A 298 -8.69 17.94 5.40
CA LYS A 298 -8.10 17.95 6.72
C LYS A 298 -8.81 17.01 7.68
N ILE A 299 -10.14 17.02 7.65
CA ILE A 299 -10.88 16.09 8.49
C ILE A 299 -10.61 14.63 8.08
N LEU A 300 -10.55 14.37 6.77
CA LEU A 300 -10.37 13.03 6.25
C LEU A 300 -8.96 12.54 6.53
N GLY A 301 -8.00 13.46 6.49
CA GLY A 301 -6.62 13.16 6.81
C GLY A 301 -6.47 12.72 8.25
N ALA A 302 -7.08 13.44 9.17
CA ALA A 302 -7.11 13.00 10.55
C ALA A 302 -7.80 11.64 10.68
N PHE A 303 -8.86 11.40 9.90
CA PHE A 303 -9.62 10.14 10.04
C PHE A 303 -8.75 8.94 9.76
N ILE A 304 -7.89 9.07 8.75
CA ILE A 304 -7.00 7.97 8.36
C ILE A 304 -5.91 7.76 9.40
N GLN A 305 -5.46 8.86 9.96
CA GLN A 305 -4.46 8.83 10.99
C GLN A 305 -5.01 8.13 12.22
N ILE A 306 -6.22 8.51 12.66
CA ILE A 306 -6.80 7.86 13.86
C ILE A 306 -7.05 6.38 13.64
N ILE A 307 -7.69 6.02 12.52
CA ILE A 307 -8.00 4.62 12.29
C ILE A 307 -6.71 3.80 12.26
N THR A 308 -5.66 4.34 11.66
CA THR A 308 -4.41 3.60 11.48
C THR A 308 -3.69 3.39 12.79
N PHE A 309 -3.52 4.47 13.53
CA PHE A 309 -2.67 4.46 14.71
C PHE A 309 -3.40 3.98 15.98
N ARG A 310 -4.69 4.24 16.09
CA ARG A 310 -5.49 3.72 17.21
C ARG A 310 -6.00 2.28 16.97
N ASP A 311 -6.52 1.98 15.79
CA ASP A 311 -7.15 0.66 15.55
C ASP A 311 -6.25 -0.35 14.79
N TYR A 312 -5.45 0.08 13.82
CA TYR A 312 -4.69 -0.83 12.94
C TYR A 312 -3.34 -1.22 13.48
N LEU A 313 -2.53 -0.24 13.86
CA LEU A 313 -1.19 -0.54 14.32
C LEU A 313 -1.11 -1.44 15.59
N PRO A 314 -2.02 -1.26 16.56
CA PRO A 314 -1.92 -2.13 17.73
C PRO A 314 -2.10 -3.60 17.41
N ILE A 315 -2.93 -3.91 16.42
CA ILE A 315 -3.20 -5.30 16.05
C ILE A 315 -2.29 -5.83 14.96
N VAL A 316 -1.51 -4.96 14.29
CA VAL A 316 -0.37 -5.48 13.50
C VAL A 316 0.82 -5.73 14.46
N LEU A 317 1.13 -4.76 15.32
CA LEU A 317 2.42 -4.84 16.01
C LEU A 317 2.29 -5.60 17.31
N GLY A 318 1.10 -5.52 17.90
CA GLY A 318 0.78 -6.27 19.11
C GLY A 318 1.59 -5.77 20.29
N SER A 319 2.51 -6.59 20.75
CA SER A 319 3.17 -6.38 22.02
C SER A 319 4.40 -5.48 21.84
N GLU A 320 4.76 -5.22 20.59
CA GLU A 320 5.88 -4.36 20.29
C GLU A 320 5.44 -2.91 20.04
N MET A 321 4.14 -2.72 19.84
CA MET A 321 3.57 -1.41 19.58
C MET A 321 4.11 -0.33 20.55
N GLN A 322 3.98 -0.58 21.85
CA GLN A 322 4.29 0.44 22.86
C GLN A 322 5.77 0.76 22.79
N LYS A 323 6.58 -0.28 22.56
CA LYS A 323 8.01 -0.06 22.49
C LYS A 323 8.43 0.88 21.36
N TRP A 324 7.82 0.75 20.18
CA TRP A 324 8.26 1.59 19.02
C TRP A 324 7.37 2.82 18.85
N ILE A 325 6.10 2.70 19.22
CA ILE A 325 5.15 3.78 19.04
C ILE A 325 4.47 4.07 20.40
N PRO A 326 5.22 4.71 21.31
CA PRO A 326 4.69 5.07 22.61
C PRO A 326 3.77 6.25 22.46
N PRO A 327 2.99 6.57 23.49
CA PRO A 327 1.96 7.61 23.30
C PRO A 327 2.52 8.94 22.74
N TYR A 328 1.65 9.77 22.13
CA TYR A 328 2.09 10.96 21.40
C TYR A 328 2.62 12.04 22.37
N GLN A 329 3.69 12.73 21.95
CA GLN A 329 4.36 13.82 22.71
C GLN A 329 4.38 15.16 21.96
N GLY A 330 3.82 15.21 20.76
CA GLY A 330 3.89 16.39 19.92
C GLY A 330 4.90 16.38 18.78
N TYR A 331 4.75 17.36 17.88
CA TYR A 331 5.65 17.51 16.73
C TYR A 331 7.10 17.71 17.13
N ASN A 332 7.95 16.76 16.76
CA ASN A 332 9.40 16.92 16.82
C ASN A 332 9.98 17.14 15.41
N ASN A 333 10.46 18.36 15.19
CA ASN A 333 10.86 18.80 13.86
C ASN A 333 12.23 18.31 13.39
N SER A 334 12.95 17.61 14.26
CA SER A 334 14.24 17.01 13.86
C SER A 334 14.09 15.52 13.52
N VAL A 335 12.88 14.98 13.62
CA VAL A 335 12.58 13.61 13.12
C VAL A 335 12.53 13.53 11.57
N ASP A 336 13.13 12.52 10.99
CA ASP A 336 13.01 12.33 9.54
C ASP A 336 11.62 11.67 9.20
N PRO A 337 10.66 12.43 8.63
CA PRO A 337 9.38 11.80 8.34
C PRO A 337 9.32 11.13 6.93
N ARG A 338 10.47 11.06 6.24
CA ARG A 338 10.55 10.41 4.94
C ARG A 338 10.37 8.88 5.07
N ILE A 339 9.77 8.25 4.05
CA ILE A 339 9.58 6.80 4.03
C ILE A 339 10.88 6.18 3.59
N SER A 340 11.34 5.13 4.29
CA SER A 340 12.58 4.46 3.93
C SER A 340 12.34 3.42 2.84
N ASN A 341 13.40 3.11 2.13
CA ASN A 341 13.32 2.17 1.09
C ASN A 341 12.88 0.82 1.70
N VAL A 342 13.49 0.45 2.80
CA VAL A 342 13.24 -0.85 3.39
C VAL A 342 11.80 -1.04 3.84
N PHE A 343 11.16 0.02 4.30
CA PHE A 343 9.74 0.05 4.61
C PHE A 343 8.88 -0.40 3.44
N THR A 344 9.26 -0.06 2.22
CA THR A 344 8.43 -0.38 1.09
C THR A 344 8.41 -1.89 0.84
N PHE A 345 9.38 -2.61 1.42
CA PHE A 345 9.39 -4.09 1.42
C PHE A 345 8.87 -4.71 2.68
N ALA A 346 9.12 -4.06 3.81
CA ALA A 346 8.55 -4.48 5.09
C ALA A 346 7.07 -4.56 5.05
N PHE A 347 6.47 -3.53 4.48
CA PHE A 347 5.05 -3.40 4.50
C PHE A 347 4.41 -4.40 3.49
N ARG A 348 5.18 -5.09 2.65
CA ARG A 348 4.59 -6.12 1.81
C ARG A 348 4.19 -7.38 2.58
N PHE A 349 4.15 -7.33 3.90
CA PHE A 349 3.71 -8.47 4.67
C PHE A 349 2.23 -8.67 4.40
N GLY A 350 1.60 -7.62 3.93
CA GLY A 350 0.19 -7.68 3.58
C GLY A 350 -0.12 -8.78 2.62
N HIS A 351 0.82 -9.03 1.72
CA HIS A 351 0.69 -9.99 0.64
C HIS A 351 0.37 -11.40 1.19
N MET A 352 0.79 -11.70 2.41
CA MET A 352 0.59 -13.01 2.98
C MET A 352 -0.79 -13.06 3.62
N GLU A 353 -1.45 -11.92 3.63
CA GLU A 353 -2.78 -11.80 4.26
C GLU A 353 -3.90 -11.78 3.26
N VAL A 354 -3.58 -11.86 1.98
CA VAL A 354 -4.61 -11.84 0.94
C VAL A 354 -5.14 -13.25 0.73
N PRO A 355 -6.45 -13.45 0.89
CA PRO A 355 -6.99 -14.79 0.67
C PRO A 355 -7.39 -15.00 -0.79
N SER A 356 -7.79 -16.23 -1.13
CA SER A 356 -7.98 -16.64 -2.52
C SER A 356 -9.33 -16.22 -3.11
N THR A 357 -10.25 -15.73 -2.30
CA THR A 357 -11.58 -15.39 -2.78
C THR A 357 -12.11 -14.07 -2.22
N VAL A 358 -13.14 -13.57 -2.86
CA VAL A 358 -13.85 -12.40 -2.42
C VAL A 358 -15.33 -12.70 -2.58
N SER A 359 -16.12 -12.34 -1.57
CA SER A 359 -17.59 -12.60 -1.55
C SER A 359 -18.42 -11.31 -1.60
N ARG A 360 -19.63 -11.42 -2.13
CA ARG A 360 -20.61 -10.33 -2.09
C ARG A 360 -21.76 -10.86 -1.23
N LEU A 361 -22.18 -10.05 -0.25
CA LEU A 361 -23.18 -10.45 0.77
C LEU A 361 -24.39 -9.51 0.87
N ASP A 362 -25.58 -10.10 1.04
CA ASP A 362 -26.81 -9.30 0.97
C ASP A 362 -27.09 -8.65 2.31
N GLU A 363 -28.26 -8.06 2.44
CA GLU A 363 -28.57 -7.31 3.65
C GLU A 363 -28.78 -8.19 4.88
N ASN A 364 -28.87 -9.50 4.70
CA ASN A 364 -28.80 -10.43 5.82
C ASN A 364 -27.46 -11.11 5.83
N TYR A 365 -26.47 -10.45 5.23
CA TYR A 365 -25.10 -10.93 5.20
C TYR A 365 -25.06 -12.36 4.72
N GLN A 366 -25.89 -12.63 3.71
CA GLN A 366 -25.98 -13.94 3.06
C GLN A 366 -25.53 -13.79 1.61
N PRO A 367 -25.00 -14.87 0.98
CA PRO A 367 -24.47 -14.75 -0.36
C PRO A 367 -25.31 -13.97 -1.33
N TRP A 368 -24.71 -12.96 -1.93
CA TRP A 368 -25.39 -12.12 -2.87
C TRP A 368 -25.31 -12.76 -4.28
N GLY A 369 -26.30 -13.61 -4.57
CA GLY A 369 -26.43 -14.22 -5.86
C GLY A 369 -25.73 -15.56 -5.97
N PRO A 370 -25.82 -16.20 -7.15
CA PRO A 370 -25.33 -17.54 -7.44
C PRO A 370 -23.80 -17.67 -7.49
N GLU A 371 -23.11 -16.65 -7.99
CA GLU A 371 -21.64 -16.61 -7.96
C GLU A 371 -21.14 -15.46 -7.06
N ALA A 372 -21.67 -15.42 -5.85
CA ALA A 372 -21.42 -14.34 -4.91
C ALA A 372 -19.97 -14.39 -4.46
N GLU A 373 -19.42 -15.59 -4.30
CA GLU A 373 -17.99 -15.78 -4.05
C GLU A 373 -17.28 -15.91 -5.38
N LEU A 374 -16.13 -15.23 -5.49
CA LEU A 374 -15.35 -15.20 -6.71
C LEU A 374 -13.87 -15.37 -6.41
N PRO A 375 -13.11 -15.89 -7.37
CA PRO A 375 -11.68 -15.99 -7.16
C PRO A 375 -10.99 -14.64 -7.29
N LEU A 376 -10.11 -14.34 -6.35
CA LEU A 376 -9.29 -13.12 -6.38
C LEU A 376 -8.79 -12.81 -7.80
N HIS A 377 -8.08 -13.70 -8.49
CA HIS A 377 -7.55 -13.26 -9.79
C HIS A 377 -8.55 -12.68 -10.80
N THR A 378 -9.84 -13.02 -10.74
CA THR A 378 -10.82 -12.45 -11.67
C THR A 378 -11.11 -11.02 -11.34
N LEU A 379 -10.52 -10.50 -10.27
CA LEU A 379 -10.89 -9.22 -9.74
C LEU A 379 -9.77 -8.19 -9.85
N PHE A 380 -8.60 -8.57 -10.34
CA PHE A 380 -7.56 -7.61 -10.72
C PHE A 380 -8.02 -6.74 -11.88
N PHE A 381 -8.03 -5.43 -11.64
CA PHE A 381 -8.41 -4.41 -12.61
C PHE A 381 -9.85 -4.53 -13.10
N ASN A 382 -10.74 -4.78 -12.16
CA ASN A 382 -12.10 -5.15 -12.45
C ASN A 382 -13.01 -4.13 -11.78
N THR A 383 -13.44 -3.19 -12.60
CA THR A 383 -14.38 -2.20 -12.21
C THR A 383 -15.81 -2.61 -12.60
N TRP A 384 -15.97 -3.48 -13.60
CA TRP A 384 -17.33 -3.80 -14.05
C TRP A 384 -18.17 -4.50 -13.01
N ARG A 385 -17.54 -5.34 -12.18
CA ARG A 385 -18.29 -6.04 -11.10
C ARG A 385 -18.90 -5.09 -10.10
N ILE A 386 -18.30 -3.91 -9.95
CA ILE A 386 -18.86 -2.88 -9.13
C ILE A 386 -20.00 -2.16 -9.85
N ILE A 387 -19.68 -1.65 -11.03
CA ILE A 387 -20.56 -0.74 -11.73
C ILE A 387 -21.82 -1.48 -12.14
N LYS A 388 -21.61 -2.66 -12.70
CA LYS A 388 -22.72 -3.45 -13.24
C LYS A 388 -23.39 -4.35 -12.21
N ASP A 389 -22.61 -4.90 -11.30
CA ASP A 389 -23.07 -6.06 -10.58
C ASP A 389 -23.19 -5.83 -9.03
N GLY A 390 -23.96 -4.81 -8.66
CA GLY A 390 -24.38 -4.58 -7.24
C GLY A 390 -23.80 -3.37 -6.50
N GLY A 391 -22.81 -2.70 -7.09
CA GLY A 391 -22.17 -1.56 -6.40
C GLY A 391 -21.31 -2.04 -5.23
N ILE A 392 -20.95 -1.14 -4.33
CA ILE A 392 -19.97 -1.51 -3.32
C ILE A 392 -20.57 -2.10 -2.07
N ASP A 393 -21.87 -1.93 -1.83
CA ASP A 393 -22.47 -2.36 -0.58
C ASP A 393 -22.29 -3.84 -0.25
N PRO A 394 -22.50 -4.73 -1.25
CA PRO A 394 -22.20 -6.15 -1.04
C PRO A 394 -20.75 -6.43 -0.78
N LEU A 395 -19.86 -5.60 -1.36
CA LEU A 395 -18.45 -5.91 -1.31
C LEU A 395 -18.00 -5.49 0.06
N VAL A 396 -18.48 -4.33 0.47
CA VAL A 396 -18.18 -3.87 1.81
C VAL A 396 -18.64 -4.85 2.88
N ARG A 397 -19.77 -5.48 2.67
CA ARG A 397 -20.27 -6.42 3.65
C ARG A 397 -19.36 -7.61 3.80
N GLY A 398 -18.71 -8.02 2.73
CA GLY A 398 -17.76 -9.12 2.82
C GLY A 398 -16.41 -8.75 3.42
N LEU A 399 -15.99 -7.50 3.25
CA LEU A 399 -14.85 -6.99 4.01
C LEU A 399 -15.09 -7.10 5.55
N LEU A 400 -16.36 -6.95 5.97
CA LEU A 400 -16.72 -7.03 7.39
C LEU A 400 -16.84 -8.45 7.91
N ALA A 401 -17.43 -9.32 7.09
CA ALA A 401 -17.85 -10.66 7.54
C ALA A 401 -16.90 -11.75 7.13
N LYS A 402 -16.01 -11.46 6.19
CA LYS A 402 -15.08 -12.50 5.76
C LYS A 402 -13.76 -12.28 6.46
N ASN A 403 -12.79 -13.14 6.19
CA ASN A 403 -11.53 -13.14 6.94
C ASN A 403 -10.30 -12.95 6.07
N SER A 404 -9.21 -12.43 6.66
CA SER A 404 -7.95 -12.31 5.98
C SER A 404 -7.33 -13.69 6.06
N LYS A 405 -6.35 -13.89 5.20
CA LYS A 405 -5.51 -15.05 5.27
C LYS A 405 -4.52 -14.81 6.40
N LEU A 406 -4.24 -15.85 7.17
CA LEU A 406 -3.19 -15.79 8.20
C LEU A 406 -1.90 -16.05 7.57
N MET A 407 -0.86 -15.32 7.94
CA MET A 407 0.46 -15.72 7.48
C MET A 407 0.78 -17.12 8.05
N ASN A 408 1.61 -17.88 7.35
CA ASN A 408 1.85 -19.26 7.73
C ASN A 408 3.12 -19.71 6.96
N GLN A 409 4.07 -20.31 7.66
CA GLN A 409 5.39 -20.57 7.09
C GLN A 409 5.43 -21.61 5.96
N ASN A 410 4.43 -22.46 5.88
CA ASN A 410 4.31 -23.28 4.70
C ASN A 410 3.05 -22.96 3.90
N LYS A 411 2.49 -21.79 4.06
CA LYS A 411 1.46 -21.37 3.09
C LYS A 411 1.54 -19.88 2.97
N MET A 412 2.56 -19.38 2.27
CA MET A 412 2.83 -17.94 2.38
C MET A 412 1.91 -17.06 1.55
N VAL A 413 1.94 -17.24 0.23
CA VAL A 413 1.19 -16.39 -0.66
C VAL A 413 0.27 -17.24 -1.53
N THR A 414 -1.02 -16.92 -1.56
CA THR A 414 -1.94 -17.61 -2.44
C THR A 414 -1.52 -17.58 -3.91
N SER A 415 -1.87 -18.65 -4.59
CA SER A 415 -1.51 -18.83 -6.01
C SER A 415 -2.25 -17.84 -6.90
N GLU A 416 -3.31 -17.27 -6.35
CA GLU A 416 -4.03 -16.24 -7.07
C GLU A 416 -3.08 -15.06 -7.30
N LEU A 417 -2.17 -14.82 -6.36
CA LEU A 417 -1.17 -13.75 -6.48
C LEU A 417 0.14 -14.26 -6.99
N ARG A 418 0.46 -15.50 -6.61
CA ARG A 418 1.79 -16.06 -6.89
C ARG A 418 1.89 -16.64 -8.29
N ASN A 419 0.76 -17.03 -8.90
CA ASN A 419 0.74 -17.51 -10.31
C ASN A 419 -0.20 -16.77 -11.25
N LYS A 420 -1.23 -16.16 -10.75
CA LYS A 420 -2.25 -15.60 -11.65
C LYS A 420 -2.36 -14.07 -11.60
N LEU A 421 -1.28 -13.38 -11.25
CA LEU A 421 -1.37 -11.92 -11.10
C LEU A 421 -1.42 -11.31 -12.51
N PHE A 422 -2.20 -10.26 -12.64
CA PHE A 422 -2.30 -9.52 -13.88
C PHE A 422 -1.62 -8.20 -13.70
N GLN A 423 -0.86 -7.77 -14.68
CA GLN A 423 -0.26 -6.46 -14.61
C GLN A 423 -0.56 -5.74 -15.89
N PRO A 424 -0.72 -4.42 -15.79
CA PRO A 424 -0.96 -3.59 -16.96
C PRO A 424 0.26 -3.66 -17.85
N THR A 425 0.02 -3.70 -19.15
CA THR A 425 1.09 -3.83 -20.13
C THR A 425 1.51 -5.29 -20.34
N HIS A 426 0.84 -6.23 -19.68
CA HIS A 426 1.05 -7.61 -20.06
C HIS A 426 -0.32 -8.27 -20.10
N LYS A 427 -0.45 -9.33 -20.88
CA LYS A 427 -1.78 -9.72 -21.36
C LYS A 427 -2.41 -10.81 -20.53
N VAL A 428 -1.60 -11.48 -19.72
CA VAL A 428 -1.99 -12.73 -19.12
C VAL A 428 -2.17 -12.63 -17.62
N HIS A 429 -3.09 -13.42 -17.10
CA HIS A 429 -3.16 -13.66 -15.66
C HIS A 429 -2.09 -14.68 -15.34
N GLY A 430 -0.82 -14.25 -15.39
CA GLY A 430 0.25 -15.19 -15.30
C GLY A 430 1.46 -14.83 -14.48
N PHE A 431 1.34 -13.80 -13.66
CA PHE A 431 2.49 -13.26 -12.95
C PHE A 431 2.52 -13.78 -11.52
N ASP A 432 3.61 -13.42 -10.83
CA ASP A 432 3.94 -13.87 -9.49
C ASP A 432 4.41 -12.71 -8.61
N LEU A 433 3.55 -12.24 -7.73
CA LEU A 433 3.86 -11.10 -6.94
C LEU A 433 5.06 -11.37 -5.99
N ALA A 434 5.23 -12.63 -5.57
CA ALA A 434 6.32 -12.98 -4.68
C ALA A 434 7.63 -12.87 -5.40
N ALA A 435 7.74 -13.50 -6.56
CA ALA A 435 8.89 -13.30 -7.42
C ALA A 435 9.22 -11.84 -7.68
N ILE A 436 8.19 -11.03 -7.95
CA ILE A 436 8.38 -9.62 -8.19
C ILE A 436 8.87 -8.90 -6.96
N ASN A 437 8.30 -9.24 -5.84
CA ASN A 437 8.76 -8.67 -4.61
C ASN A 437 10.26 -8.90 -4.40
N LEU A 438 10.74 -10.13 -4.67
CA LEU A 438 12.15 -10.44 -4.49
C LEU A 438 13.05 -9.75 -5.50
N GLN A 439 12.69 -9.82 -6.78
CA GLN A 439 13.41 -9.07 -7.79
C GLN A 439 13.53 -7.54 -7.47
N ARG A 440 12.45 -6.95 -6.94
CA ARG A 440 12.41 -5.54 -6.61
C ARG A 440 13.29 -5.18 -5.39
N CYS A 441 13.45 -6.19 -4.55
CA CYS A 441 14.24 -6.12 -3.33
C CYS A 441 15.64 -5.87 -3.82
N ARG A 442 16.03 -6.69 -4.79
CA ARG A 442 17.35 -6.59 -5.39
C ARG A 442 17.52 -5.32 -6.20
N ASP A 443 16.53 -5.02 -7.04
CA ASP A 443 16.46 -3.76 -7.79
C ASP A 443 16.78 -2.52 -6.92
N HIS A 444 16.27 -2.50 -5.71
CA HIS A 444 16.44 -1.40 -4.79
C HIS A 444 17.72 -1.44 -3.98
N GLY A 445 18.54 -2.45 -4.16
CA GLY A 445 19.83 -2.52 -3.44
C GLY A 445 19.68 -2.75 -1.94
N MET A 446 18.74 -3.61 -1.58
CA MET A 446 18.46 -3.86 -0.18
C MET A 446 19.59 -4.65 0.47
N PRO A 447 20.10 -4.19 1.61
CA PRO A 447 20.86 -5.12 2.44
C PRO A 447 20.08 -6.40 2.77
N GLY A 448 20.84 -7.48 3.02
CA GLY A 448 20.30 -8.79 3.31
C GLY A 448 19.78 -8.91 4.73
N TYR A 449 19.31 -10.10 5.09
CA TYR A 449 18.48 -10.29 6.29
C TYR A 449 19.27 -10.01 7.59
N ASN A 450 20.55 -10.36 7.63
CA ASN A 450 21.35 -10.17 8.85
C ASN A 450 21.69 -8.69 9.08
N SER A 451 21.98 -7.96 8.02
CA SER A 451 22.16 -6.51 8.18
C SER A 451 20.98 -5.92 8.91
N TRP A 452 19.76 -6.29 8.52
CA TRP A 452 18.59 -5.71 9.14
C TRP A 452 18.34 -6.27 10.58
N ARG A 453 18.65 -7.55 10.80
CA ARG A 453 18.62 -8.13 12.12
C ARG A 453 19.50 -7.28 13.01
N GLY A 454 20.76 -7.13 12.62
CA GLY A 454 21.72 -6.31 13.34
C GLY A 454 21.31 -4.86 13.50
N PHE A 455 20.68 -4.26 12.50
CA PHE A 455 20.07 -2.93 12.62
C PHE A 455 19.07 -2.82 13.71
N CYS A 456 18.31 -3.90 13.91
CA CYS A 456 17.16 -3.86 14.82
C CYS A 456 17.51 -4.45 16.20
N GLY A 457 18.80 -4.67 16.46
CA GLY A 457 19.19 -5.09 17.80
C GLY A 457 18.87 -6.57 18.03
N LEU A 458 18.76 -7.34 16.94
CA LEU A 458 18.42 -8.76 17.01
C LEU A 458 19.60 -9.64 16.59
N SER A 459 19.59 -10.92 16.97
CA SER A 459 20.70 -11.81 16.64
C SER A 459 20.80 -12.12 15.15
N GLN A 460 21.98 -12.53 14.73
CA GLN A 460 22.28 -12.77 13.34
C GLN A 460 22.74 -14.18 13.15
N PRO A 461 21.84 -15.12 12.75
CA PRO A 461 22.17 -16.51 12.53
C PRO A 461 23.15 -16.66 11.40
N LYS A 462 24.12 -17.56 11.60
CA LYS A 462 25.11 -17.86 10.57
C LYS A 462 25.05 -19.30 10.05
N THR A 463 24.32 -20.16 10.75
CA THR A 463 24.31 -21.57 10.38
C THR A 463 22.88 -21.94 10.20
N LEU A 464 22.69 -23.18 9.73
CA LEU A 464 21.37 -23.78 9.68
C LEU A 464 20.72 -23.77 11.06
N LYS A 465 21.42 -24.23 12.08
CA LYS A 465 20.73 -24.40 13.35
C LYS A 465 20.47 -23.05 13.93
N GLY A 466 21.36 -22.09 13.64
CA GLY A 466 21.09 -20.70 14.03
C GLY A 466 19.76 -20.31 13.43
N LEU A 467 19.66 -20.46 12.12
CA LEU A 467 18.44 -20.06 11.44
C LEU A 467 17.20 -20.78 11.95
N GLN A 468 17.32 -22.09 12.22
CA GLN A 468 16.19 -22.86 12.70
C GLN A 468 15.63 -22.27 13.99
N ALA A 469 16.51 -21.87 14.88
CA ALA A 469 16.08 -21.38 16.18
C ALA A 469 15.36 -20.05 16.01
N VAL A 470 15.84 -19.19 15.12
CA VAL A 470 15.20 -17.86 14.89
C VAL A 470 13.83 -18.02 14.21
N LEU A 471 13.76 -18.83 13.14
CA LEU A 471 12.49 -19.07 12.45
C LEU A 471 11.62 -20.08 13.17
N LYS A 472 12.20 -20.76 14.18
CA LYS A 472 11.50 -21.78 14.88
C LYS A 472 10.89 -22.75 13.87
N ASN A 473 11.68 -23.18 12.88
CA ASN A 473 11.17 -24.05 11.85
C ASN A 473 12.32 -24.65 11.12
N LYS A 474 12.46 -25.97 11.27
CA LYS A 474 13.59 -26.70 10.74
C LYS A 474 13.53 -26.85 9.21
N VAL A 475 12.34 -27.12 8.67
CA VAL A 475 12.26 -27.39 7.23
C VAL A 475 12.41 -26.12 6.39
N LEU A 476 11.76 -25.05 6.82
CA LEU A 476 11.86 -23.74 6.17
C LEU A 476 13.33 -23.27 6.21
N ALA A 477 13.94 -23.37 7.38
CA ALA A 477 15.35 -22.96 7.50
C ALA A 477 16.22 -23.76 6.55
N LYS A 478 15.92 -25.06 6.44
CA LYS A 478 16.64 -25.93 5.52
C LYS A 478 16.55 -25.49 4.06
N LYS A 479 15.34 -25.19 3.62
CA LYS A 479 15.05 -24.77 2.28
C LYS A 479 15.73 -23.44 2.02
N LEU A 480 15.72 -22.58 3.01
CA LEU A 480 16.34 -21.27 2.82
C LEU A 480 17.83 -21.40 2.65
N LEU A 481 18.48 -22.26 3.46
CA LEU A 481 19.94 -22.37 3.40
C LEU A 481 20.32 -23.11 2.14
N ASP A 482 19.46 -24.01 1.68
CA ASP A 482 19.73 -24.66 0.40
C ASP A 482 19.72 -23.66 -0.74
N LEU A 483 18.80 -22.70 -0.69
CA LEU A 483 18.71 -21.73 -1.74
C LEU A 483 19.79 -20.68 -1.62
N TYR A 484 19.80 -19.99 -0.48
CA TYR A 484 20.82 -18.99 -0.19
C TYR A 484 22.20 -19.57 0.06
N LYS A 485 22.22 -20.65 0.84
CA LYS A 485 23.44 -21.30 1.31
C LYS A 485 23.98 -20.54 2.53
N THR A 486 23.31 -19.45 2.89
CA THR A 486 23.66 -18.63 4.04
C THR A 486 22.47 -17.76 4.44
N PRO A 487 22.50 -17.20 5.65
CA PRO A 487 21.47 -16.25 6.02
C PRO A 487 21.79 -14.80 5.66
N ASP A 488 23.06 -14.45 5.55
CA ASP A 488 23.47 -13.09 5.16
C ASP A 488 22.85 -12.71 3.81
N ASN A 489 22.73 -13.69 2.91
CA ASN A 489 22.17 -13.50 1.56
C ASN A 489 20.67 -13.55 1.41
N ILE A 490 19.92 -13.81 2.47
CA ILE A 490 18.45 -13.88 2.38
C ILE A 490 17.81 -12.52 2.22
N ASP A 491 16.95 -12.43 1.23
CA ASP A 491 16.32 -11.18 0.85
C ASP A 491 15.39 -10.85 1.99
N ILE A 492 15.38 -9.58 2.36
CA ILE A 492 14.67 -9.08 3.51
C ILE A 492 13.15 -9.30 3.47
N TRP A 493 12.58 -9.31 2.29
CA TRP A 493 11.15 -9.55 2.16
C TRP A 493 10.84 -10.96 2.68
N ILE A 494 11.61 -11.95 2.24
CA ILE A 494 11.32 -13.33 2.60
C ILE A 494 11.84 -13.64 4.02
N GLY A 495 13.02 -13.13 4.35
CA GLY A 495 13.53 -13.28 5.69
C GLY A 495 12.66 -12.68 6.75
N GLY A 496 12.26 -11.43 6.59
CA GLY A 496 11.34 -10.78 7.57
C GLY A 496 9.96 -11.43 7.72
N ASN A 497 9.42 -11.93 6.60
CA ASN A 497 8.10 -12.56 6.64
C ASN A 497 8.07 -14.03 7.15
N ALA A 498 9.25 -14.66 7.16
CA ALA A 498 9.37 -16.04 7.61
C ALA A 498 9.35 -16.18 9.14
N GLU A 499 9.73 -15.13 9.86
CA GLU A 499 9.85 -15.16 11.30
C GLU A 499 8.45 -15.29 11.91
N PRO A 500 8.29 -16.11 12.96
CA PRO A 500 6.95 -16.27 13.53
C PRO A 500 6.50 -14.97 14.10
N MET A 501 5.18 -14.81 14.17
CA MET A 501 4.55 -13.60 14.64
C MET A 501 4.75 -13.37 16.13
N VAL A 502 4.93 -12.10 16.51
CA VAL A 502 4.91 -11.67 17.89
C VAL A 502 3.53 -11.72 18.50
N GLU A 503 3.52 -11.70 19.82
CA GLU A 503 2.34 -11.90 20.62
C GLU A 503 1.39 -10.76 20.37
N ARG A 504 0.10 -11.08 20.15
CA ARG A 504 -0.96 -10.11 19.80
C ARG A 504 -0.73 -9.33 18.48
N GLY A 505 0.15 -9.81 17.60
CA GLY A 505 0.48 -9.11 16.36
C GLY A 505 0.37 -10.03 15.15
N ARG A 506 0.80 -9.54 13.99
CA ARG A 506 0.76 -10.37 12.78
C ARG A 506 2.02 -10.21 11.97
N VAL A 507 3.10 -9.79 12.62
CA VAL A 507 4.42 -9.85 12.02
C VAL A 507 5.39 -10.26 13.10
N GLY A 508 6.56 -10.68 12.66
CA GLY A 508 7.61 -11.09 13.55
C GLY A 508 8.33 -9.91 14.16
N PRO A 509 9.45 -10.19 14.85
CA PRO A 509 10.25 -9.17 15.53
C PRO A 509 10.95 -8.17 14.60
N LEU A 510 11.58 -8.65 13.54
CA LEU A 510 12.32 -7.78 12.62
C LEU A 510 11.30 -6.82 11.98
N LEU A 511 10.28 -7.38 11.35
CA LEU A 511 9.29 -6.48 10.71
C LEU A 511 8.67 -5.51 11.71
N ALA A 512 8.48 -5.92 12.96
CA ALA A 512 7.81 -5.04 13.91
C ALA A 512 8.66 -3.77 14.22
N CYS A 513 9.96 -3.98 14.30
CA CYS A 513 10.96 -2.96 14.43
C CYS A 513 11.01 -2.01 13.23
N LEU A 514 11.23 -2.56 12.04
CA LEU A 514 11.23 -1.79 10.78
C LEU A 514 9.94 -0.95 10.61
N LEU A 515 8.80 -1.62 10.72
CA LEU A 515 7.54 -0.93 10.64
C LEU A 515 7.36 0.02 11.79
N GLY A 516 7.74 -0.46 12.96
CA GLY A 516 7.65 0.30 14.18
C GLY A 516 8.32 1.68 14.09
N ARG A 517 9.60 1.70 13.80
CA ARG A 517 10.31 2.96 13.57
C ARG A 517 9.60 3.85 12.54
N GLN A 518 9.23 3.27 11.40
CA GLN A 518 8.73 4.09 10.31
C GLN A 518 7.55 4.84 10.73
N PHE A 519 6.59 4.15 11.36
CA PHE A 519 5.33 4.79 11.73
C PHE A 519 5.50 5.86 12.83
N GLN A 520 6.35 5.56 13.78
CA GLN A 520 6.70 6.52 14.81
C GLN A 520 7.28 7.78 14.18
N GLN A 521 8.12 7.61 13.16
CA GLN A 521 8.72 8.74 12.48
C GLN A 521 7.69 9.54 11.69
N ILE A 522 6.74 8.88 11.07
CA ILE A 522 5.85 9.64 10.22
C ILE A 522 4.78 10.35 11.06
N ARG A 523 4.51 9.83 12.24
CA ARG A 523 3.66 10.56 13.21
C ARG A 523 4.43 11.72 13.86
N ASP A 524 5.58 11.44 14.45
CA ASP A 524 6.28 12.49 15.23
C ASP A 524 6.78 13.60 14.33
N GLY A 525 7.23 13.22 13.14
CA GLY A 525 7.82 14.15 12.18
C GLY A 525 6.83 14.95 11.33
N ASP A 526 5.55 14.95 11.68
CA ASP A 526 4.52 15.57 10.84
C ASP A 526 3.92 16.83 11.50
N ARG A 527 4.22 17.98 10.91
CA ARG A 527 3.71 19.23 11.43
C ARG A 527 2.20 19.32 11.46
N PHE A 528 1.50 18.46 10.73
CA PHE A 528 0.06 18.61 10.63
C PHE A 528 -0.68 17.45 11.26
N TRP A 529 0.02 16.65 12.03
CA TRP A 529 -0.62 15.57 12.76
C TRP A 529 -1.85 16.07 13.50
N TRP A 530 -2.95 15.31 13.43
CA TRP A 530 -4.23 15.76 13.97
C TRP A 530 -4.17 16.23 15.42
N GLU A 531 -3.33 15.60 16.21
CA GLU A 531 -3.20 15.84 17.65
C GLU A 531 -2.16 16.88 17.99
N ASN A 532 -1.30 17.20 17.04
CA ASN A 532 -0.33 18.22 17.27
C ASN A 532 -1.01 19.46 17.75
N PRO A 533 -0.61 19.97 18.94
CA PRO A 533 -1.16 21.23 19.43
C PRO A 533 -1.28 22.28 18.32
N GLY A 534 -2.50 22.75 18.09
CA GLY A 534 -2.72 23.88 17.19
C GLY A 534 -3.31 23.54 15.85
N VAL A 535 -3.33 22.27 15.48
CA VAL A 535 -3.81 21.88 14.15
C VAL A 535 -5.32 21.86 14.19
N PHE A 536 -5.87 21.14 15.16
CA PHE A 536 -7.30 21.22 15.40
C PHE A 536 -7.54 21.99 16.69
N THR A 537 -8.79 22.43 16.90
CA THR A 537 -9.16 23.05 18.17
C THR A 537 -9.27 21.96 19.23
N GLU A 538 -9.41 22.38 20.49
CA GLU A 538 -9.70 21.47 21.60
C GLU A 538 -10.99 20.70 21.31
N LYS A 539 -12.02 21.45 20.94
CA LYS A 539 -13.37 20.90 20.82
C LYS A 539 -13.50 20.04 19.57
N GLN A 540 -12.78 20.44 18.51
CA GLN A 540 -12.66 19.65 17.29
C GLN A 540 -12.07 18.29 17.60
N ARG A 541 -10.99 18.29 18.39
CA ARG A 541 -10.30 17.06 18.75
C ARG A 541 -11.13 16.06 19.57
N ASP A 542 -12.17 16.53 20.25
CA ASP A 542 -13.02 15.61 21.03
C ASP A 542 -14.06 14.94 20.14
N SER A 543 -14.39 15.60 19.03
CA SER A 543 -15.29 15.03 18.02
C SER A 543 -14.56 14.02 17.10
N LEU A 544 -13.32 14.37 16.75
CA LEU A 544 -12.50 13.63 15.80
C LEU A 544 -12.17 12.24 16.29
N GLN A 545 -11.91 12.14 17.58
CA GLN A 545 -11.52 10.88 18.19
C GLN A 545 -12.66 9.88 18.01
N LYS A 546 -13.90 10.37 18.14
CA LYS A 546 -15.03 9.47 18.03
C LYS A 546 -15.07 8.60 16.79
N VAL A 547 -14.40 9.01 15.71
CA VAL A 547 -14.45 8.28 14.41
C VAL A 547 -14.25 6.77 14.52
N SER A 548 -14.83 6.05 13.57
CA SER A 548 -14.63 4.60 13.47
C SER A 548 -14.88 4.20 12.03
N PHE A 549 -14.30 3.08 11.60
CA PHE A 549 -14.60 2.61 10.26
C PHE A 549 -16.10 2.35 10.08
N SER A 550 -16.71 1.74 11.11
CA SER A 550 -18.15 1.51 11.17
C SER A 550 -18.99 2.74 10.84
N ARG A 551 -18.69 3.85 11.51
CA ARG A 551 -19.34 5.09 11.23
C ARG A 551 -19.10 5.48 9.75
N LEU A 552 -17.86 5.42 9.27
CA LEU A 552 -17.56 5.70 7.86
C LEU A 552 -18.45 4.92 6.91
N ILE A 553 -18.65 3.64 7.22
CA ILE A 553 -19.49 2.76 6.40
C ILE A 553 -20.97 3.14 6.44
N CYS A 554 -21.51 3.37 7.64
CA CYS A 554 -22.89 3.78 7.79
C CYS A 554 -23.15 5.08 7.01
N ASP A 555 -22.25 6.03 7.18
CA ASP A 555 -22.40 7.35 6.57
C ASP A 555 -22.34 7.35 5.05
N ASN A 556 -21.68 6.36 4.45
CA ASN A 556 -21.35 6.44 3.04
C ASN A 556 -21.79 5.24 2.23
N THR A 557 -22.77 4.54 2.76
CA THR A 557 -23.37 3.40 2.06
C THR A 557 -24.79 3.27 2.60
N HIS A 558 -25.55 2.30 2.12
CA HIS A 558 -26.84 2.03 2.76
C HIS A 558 -26.71 0.71 3.51
N ILE A 559 -25.75 0.65 4.42
CA ILE A 559 -25.58 -0.48 5.33
C ILE A 559 -25.99 0.03 6.70
N THR A 560 -26.77 -0.75 7.43
CA THR A 560 -27.25 -0.32 8.73
C THR A 560 -26.92 -1.30 9.85
N LYS A 561 -26.23 -2.38 9.51
CA LYS A 561 -25.78 -3.37 10.46
C LYS A 561 -24.25 -3.56 10.35
N VAL A 562 -23.50 -3.00 11.30
CA VAL A 562 -22.04 -3.12 11.29
C VAL A 562 -21.53 -3.41 12.67
N PRO A 563 -20.37 -4.06 12.78
CA PRO A 563 -19.80 -4.30 14.09
C PRO A 563 -19.18 -3.03 14.63
N LEU A 564 -18.85 -3.07 15.91
CA LEU A 564 -18.23 -1.93 16.57
C LEU A 564 -16.74 -1.84 16.23
N HIS A 565 -16.09 -3.00 16.17
CA HIS A 565 -14.64 -3.13 15.92
C HIS A 565 -14.43 -3.84 14.58
N ALA A 566 -14.20 -3.10 13.49
CA ALA A 566 -14.24 -3.69 12.12
C ALA A 566 -13.08 -4.59 11.70
N PHE A 567 -11.92 -4.37 12.28
CA PHE A 567 -10.75 -5.19 11.96
C PHE A 567 -10.77 -6.55 12.64
N GLN A 568 -11.56 -6.68 13.70
CA GLN A 568 -11.81 -7.99 14.33
C GLN A 568 -12.60 -8.92 13.41
N ALA A 569 -12.38 -10.21 13.52
CA ALA A 569 -13.33 -11.17 12.93
C ALA A 569 -14.66 -10.96 13.64
N ASN A 570 -15.69 -10.68 12.84
CA ASN A 570 -17.02 -10.38 13.32
C ASN A 570 -17.96 -11.25 12.51
N ASN A 571 -18.80 -12.04 13.19
CA ASN A 571 -19.81 -12.91 12.54
C ASN A 571 -21.22 -12.42 12.82
N TYR A 572 -22.06 -12.34 11.80
CA TYR A 572 -23.40 -11.75 11.95
C TYR A 572 -24.45 -12.83 12.20
N PRO A 573 -25.53 -12.50 12.89
CA PRO A 573 -25.87 -11.14 13.38
C PRO A 573 -25.30 -10.83 14.76
N HIS A 574 -24.51 -11.77 15.29
CA HIS A 574 -24.11 -11.70 16.67
C HIS A 574 -23.34 -10.45 16.98
N ASP A 575 -22.33 -10.16 16.15
CA ASP A 575 -21.40 -9.09 16.45
C ASP A 575 -21.75 -7.82 15.75
N PHE A 576 -23.00 -7.71 15.28
CA PHE A 576 -23.43 -6.57 14.47
C PHE A 576 -24.51 -5.75 15.20
N VAL A 577 -24.44 -4.43 15.07
CA VAL A 577 -25.31 -3.54 15.80
C VAL A 577 -25.97 -2.58 14.81
N ASP A 578 -27.08 -1.99 15.22
CA ASP A 578 -27.69 -0.96 14.41
C ASP A 578 -26.77 0.25 14.34
N CYS A 579 -26.71 0.86 13.16
CA CYS A 579 -25.84 2.00 12.94
C CYS A 579 -26.01 3.05 14.02
N SER A 580 -27.25 3.20 14.47
CA SER A 580 -27.62 4.20 15.47
C SER A 580 -26.90 3.99 16.81
N ALA A 581 -26.56 2.76 17.14
CA ALA A 581 -25.84 2.49 18.39
C ALA A 581 -24.33 2.88 18.32
N VAL A 582 -23.95 3.68 17.30
CA VAL A 582 -22.56 4.03 17.03
C VAL A 582 -22.37 5.55 16.97
N ASP A 583 -21.24 6.03 17.51
CA ASP A 583 -21.03 7.47 17.63
C ASP A 583 -20.87 8.11 16.25
N LYS A 584 -21.29 9.36 16.15
CA LYS A 584 -21.07 10.16 14.94
C LYS A 584 -19.88 11.10 15.10
N LEU A 585 -19.48 11.67 13.97
CA LEU A 585 -18.58 12.79 13.95
C LEU A 585 -19.43 14.07 14.11
N ASP A 586 -19.33 14.69 15.28
CA ASP A 586 -20.08 15.91 15.61
C ASP A 586 -19.37 17.10 14.97
N LEU A 587 -20.00 17.74 14.00
CA LEU A 587 -19.33 18.83 13.27
C LEU A 587 -19.60 20.23 13.84
N SER A 588 -20.39 20.34 14.87
CA SER A 588 -20.63 21.64 15.50
C SER A 588 -19.30 22.39 15.73
N PRO A 589 -18.29 21.73 16.32
CA PRO A 589 -17.09 22.51 16.61
C PRO A 589 -16.35 23.05 15.36
N TRP A 590 -16.92 22.87 14.17
CA TRP A 590 -16.39 23.50 12.97
C TRP A 590 -17.12 24.76 12.59
N ALA A 591 -18.30 24.99 13.18
CA ALA A 591 -19.00 26.25 13.02
C ALA A 591 -18.09 27.36 13.52
N SER A 592 -17.64 28.23 12.62
CA SER A 592 -16.81 29.39 12.99
C SER A 592 -17.58 30.69 12.76
N ARG A 593 -18.28 31.12 13.81
CA ARG A 593 -19.17 32.29 13.73
C ARG A 593 -18.37 33.58 13.50
N GLU A 594 -19.08 34.68 13.26
CA GLU A 594 -18.43 35.99 13.11
C GLU A 594 -17.62 36.22 14.39
N ASN A 595 -18.29 36.03 15.52
CA ASN A 595 -17.63 35.94 16.82
C ASN A 595 -17.40 34.47 17.14
#